data_5ONQ
#
_entry.id   5ONQ
#
_cell.length_a   93.488
_cell.length_b   93.488
_cell.length_c   129.558
_cell.angle_alpha   90.000
_cell.angle_beta   90.000
_cell.angle_gamma   120.000
#
_symmetry.space_group_name_H-M   'P 61 2 2'
#
loop_
_entity.id
_entity.type
_entity.pdbx_description
1 polymer Thermolysin
2 polymer 'Amyloid-beta A4 protein'
3 non-polymer 'CALCIUM ION'
4 non-polymer 'CADMIUM ION'
5 non-polymer 'DIMETHYL SULFOXIDE'
6 water water
#
loop_
_entity_poly.entity_id
_entity_poly.type
_entity_poly.pdbx_seq_one_letter_code
_entity_poly.pdbx_strand_id
1 'polypeptide(L)'
;ITGTSTVGVGRGVLGDQKNINTTYSTYYYLQDNTRGNGIFTYDAKYRTTLPGSLWADADNQFFASYDAPAVDAHYYAGVT
YDYYKNVHNRLSYDGNNAAIRSSVHYSQGYNNAFWNGSQMVYGDGDGQTFIPLSGGIDVVAHELTHAVTDYTAGLIYQNE
SGAINEAISDIFGTLVEFYANKNPDWEIGEDVYTPGISGDSLRSMSDPAKYGDPDHYSKRYTGTQDNGGVHINSGIINKA
AYLISQGGTHYGVSVVGIGRDKLGKIFYRALTQYLTPTSNFSQLRAAAVQSATDLYGSTSQEVASVKQAFDAVGVK
;
A
2 'polypeptide(L)' GAIIG B
#
# COMPACT_ATOMS: atom_id res chain seq x y z
N ILE A 1 15.82 16.88 11.87
CA ILE A 1 16.59 17.75 12.75
C ILE A 1 17.74 16.99 13.39
N THR A 2 18.73 17.73 13.89
CA THR A 2 19.83 17.12 14.60
C THR A 2 19.43 16.92 16.05
N GLY A 3 19.65 15.72 16.56
CA GLY A 3 19.30 15.42 17.94
C GLY A 3 19.72 14.02 18.26
N THR A 4 19.19 13.47 19.33
CA THR A 4 19.54 12.12 19.74
C THR A 4 18.33 11.20 19.62
N SER A 5 18.58 9.97 19.21
CA SER A 5 17.51 9.03 18.97
C SER A 5 16.89 8.56 20.28
N THR A 6 15.57 8.56 20.32
CA THR A 6 14.80 8.27 21.52
C THR A 6 13.65 7.33 21.16
N VAL A 7 12.98 6.81 22.18
CA VAL A 7 11.87 5.88 21.97
C VAL A 7 10.67 6.42 22.75
N GLY A 8 9.65 6.84 22.03
CA GLY A 8 8.41 7.28 22.64
C GLY A 8 7.38 6.17 22.65
N VAL A 9 6.22 6.49 23.22
CA VAL A 9 5.13 5.53 23.32
C VAL A 9 3.82 6.27 23.10
N GLY A 10 2.87 5.60 22.47
CA GLY A 10 1.58 6.23 22.24
C GLY A 10 0.54 5.22 21.84
N ARG A 11 -0.58 5.74 21.35
CA ARG A 11 -1.70 4.91 20.92
CA ARG A 11 -1.72 4.94 20.94
C ARG A 11 -2.07 5.30 19.50
N GLY A 12 -2.32 4.27 18.67
CA GLY A 12 -2.73 4.49 17.30
C GLY A 12 -4.23 4.71 17.17
N VAL A 13 -4.67 4.83 15.92
CA VAL A 13 -6.06 5.15 15.58
C VAL A 13 -7.02 4.12 16.16
N LEU A 14 -6.62 2.84 16.17
CA LEU A 14 -7.49 1.79 16.69
C LEU A 14 -7.36 1.57 18.19
N GLY A 15 -6.60 2.41 18.88
CA GLY A 15 -6.50 2.30 20.31
C GLY A 15 -5.39 1.40 20.83
N ASP A 16 -4.51 0.95 19.94
CA ASP A 16 -3.43 0.04 20.33
C ASP A 16 -2.18 0.82 20.71
N GLN A 17 -1.53 0.38 21.78
CA GLN A 17 -0.31 1.02 22.26
C GLN A 17 0.88 0.50 21.48
N LYS A 18 1.77 1.41 21.07
CA LYS A 18 2.99 1.00 20.40
C LYS A 18 4.11 1.99 20.72
N ASN A 19 5.34 1.49 20.64
CA ASN A 19 6.52 2.34 20.73
C ASN A 19 6.85 2.90 19.36
N ILE A 20 7.38 4.12 19.35
CA ILE A 20 7.77 4.80 18.12
CA ILE A 20 7.76 4.82 18.13
C ILE A 20 9.15 5.42 18.31
N ASN A 21 9.92 5.39 17.23
CA ASN A 21 11.25 5.98 17.22
C ASN A 21 11.14 7.48 17.01
N THR A 22 11.71 8.24 17.95
CA THR A 22 11.64 9.70 17.92
C THR A 22 13.05 10.27 18.00
N THR A 23 13.13 11.59 17.90
CA THR A 23 14.40 12.31 18.03
C THR A 23 14.20 13.46 19.03
N TYR A 24 15.12 13.58 19.97
CA TYR A 24 15.03 14.63 20.99
C TYR A 24 15.99 15.77 20.69
N SER A 25 15.43 16.98 20.62
CA SER A 25 16.20 18.22 20.66
C SER A 25 15.19 19.30 21.06
N THR A 26 15.16 19.63 22.35
CA THR A 26 14.17 20.49 22.98
C THR A 26 12.78 19.83 23.04
N TYR A 27 12.25 19.47 21.87
CA TYR A 27 11.04 18.65 21.77
C TYR A 27 11.41 17.25 21.32
N TYR A 28 10.46 16.34 21.44
CA TYR A 28 10.55 15.00 20.85
C TYR A 28 9.81 15.03 19.52
N TYR A 29 10.52 14.73 18.45
CA TYR A 29 9.97 14.78 17.10
C TYR A 29 9.72 13.39 16.55
N LEU A 30 8.68 13.27 15.70
CA LEU A 30 8.43 12.03 14.98
C LEU A 30 9.44 11.93 13.84
N GLN A 31 10.65 11.52 14.23
CA GLN A 31 11.78 11.35 13.33
C GLN A 31 12.48 10.09 13.80
N ASP A 32 12.38 9.05 12.99
CA ASP A 32 12.93 7.74 13.26
C ASP A 32 14.26 7.65 12.51
N ASN A 33 15.36 7.67 13.26
CA ASN A 33 16.69 7.62 12.65
C ASN A 33 17.18 6.21 12.43
N THR A 34 16.40 5.20 12.82
CA THR A 34 16.86 3.82 12.77
C THR A 34 16.71 3.19 11.39
N ARG A 35 16.02 3.85 10.47
CA ARG A 35 15.70 3.28 9.16
C ARG A 35 16.19 4.20 8.07
N GLY A 36 17.21 3.76 7.33
CA GLY A 36 17.68 4.54 6.20
C GLY A 36 18.07 5.95 6.59
N ASN A 37 17.72 6.90 5.73
CA ASN A 37 17.93 8.31 6.01
C ASN A 37 16.79 8.94 6.77
N GLY A 38 15.95 8.15 7.39
CA GLY A 38 14.99 8.60 8.36
C GLY A 38 13.55 8.46 7.88
N ILE A 39 12.65 8.34 8.85
CA ILE A 39 11.21 8.43 8.63
C ILE A 39 10.72 9.64 9.42
N PHE A 40 10.03 10.55 8.73
CA PHE A 40 9.64 11.84 9.27
C PHE A 40 8.15 12.01 9.11
N THR A 41 7.46 12.35 10.20
CA THR A 41 6.01 12.51 10.18
C THR A 41 5.63 13.92 10.59
N TYR A 42 4.69 14.50 9.85
CA TYR A 42 4.37 15.92 9.87
C TYR A 42 2.89 16.14 10.18
N ASP A 43 2.59 17.30 10.77
CA ASP A 43 1.23 17.74 11.06
C ASP A 43 0.83 18.75 9.99
N ALA A 44 -0.19 18.41 9.19
CA ALA A 44 -0.75 19.33 8.21
C ALA A 44 -1.83 20.24 8.80
N LYS A 45 -2.27 19.99 10.04
CA LYS A 45 -3.08 20.94 10.82
C LYS A 45 -4.42 21.25 10.16
N TYR A 46 -5.00 20.26 9.49
CA TYR A 46 -6.27 20.40 8.77
C TYR A 46 -6.18 21.28 7.53
N ARG A 47 -5.00 21.70 7.11
CA ARG A 47 -4.84 22.46 5.88
CA ARG A 47 -4.80 22.47 5.90
CA ARG A 47 -4.79 22.47 5.90
C ARG A 47 -4.35 21.54 4.78
N THR A 48 -4.16 22.12 3.59
CA THR A 48 -3.66 21.38 2.46
C THR A 48 -2.26 21.79 2.05
N THR A 49 -1.61 22.67 2.81
CA THR A 49 -0.21 22.97 2.57
C THR A 49 0.65 21.80 3.05
N LEU A 50 1.63 21.41 2.24
CA LEU A 50 2.44 20.23 2.52
C LEU A 50 3.92 20.58 2.53
N PRO A 51 4.71 19.92 3.40
CA PRO A 51 4.28 18.85 4.29
C PRO A 51 3.63 19.30 5.61
N GLY A 52 3.72 20.58 5.94
CA GLY A 52 3.33 21.01 7.27
C GLY A 52 4.54 21.03 8.19
N SER A 53 4.30 20.85 9.48
N SER A 53 4.31 20.89 9.49
CA SER A 53 5.34 20.97 10.50
CA SER A 53 5.39 21.02 10.45
C SER A 53 5.77 19.60 10.97
C SER A 53 5.77 19.64 11.00
N LEU A 54 7.09 19.37 11.05
CA LEU A 54 7.58 18.13 11.62
C LEU A 54 6.98 17.97 13.01
N TRP A 55 6.43 16.78 13.29
CA TRP A 55 5.61 16.61 14.48
C TRP A 55 6.46 16.73 15.75
N ALA A 56 6.12 17.70 16.60
CA ALA A 56 6.83 17.97 17.84
C ALA A 56 5.92 17.69 19.03
N ASP A 57 6.50 17.07 20.06
CA ASP A 57 5.77 16.68 21.25
C ASP A 57 6.65 16.93 22.46
N ALA A 58 6.04 17.46 23.53
CA ALA A 58 6.84 17.91 24.68
C ALA A 58 7.40 16.76 25.53
N ASP A 59 6.69 15.62 25.62
CA ASP A 59 7.03 14.62 26.62
C ASP A 59 7.31 13.22 26.07
N ASN A 60 7.33 13.02 24.75
CA ASN A 60 7.59 11.70 24.15
C ASN A 60 6.45 10.71 24.40
N GLN A 61 5.27 11.20 24.76
CA GLN A 61 4.08 10.38 24.97
C GLN A 61 3.01 10.83 23.98
N PHE A 62 2.45 9.88 23.25
CA PHE A 62 1.59 10.21 22.12
C PHE A 62 0.23 9.53 22.28
N PHE A 63 -0.46 9.85 23.38
CA PHE A 63 -1.74 9.24 23.72
C PHE A 63 -2.93 10.15 23.47
N ALA A 64 -2.72 11.37 22.97
CA ALA A 64 -3.84 12.24 22.70
C ALA A 64 -4.56 11.79 21.42
N SER A 65 -5.86 12.05 21.37
CA SER A 65 -6.63 11.72 20.17
CA SER A 65 -6.63 11.72 20.17
C SER A 65 -5.99 12.33 18.92
N TYR A 66 -5.54 13.59 19.02
CA TYR A 66 -4.92 14.26 17.89
C TYR A 66 -3.63 13.57 17.45
N ASP A 67 -2.96 12.85 18.37
CA ASP A 67 -1.70 12.19 18.05
C ASP A 67 -1.88 10.89 17.29
N ALA A 68 -3.05 10.25 17.40
CA ALA A 68 -3.20 8.87 16.92
C ALA A 68 -2.87 8.68 15.45
N PRO A 69 -3.35 9.52 14.52
CA PRO A 69 -3.00 9.28 13.11
C PRO A 69 -1.51 9.42 12.85
N ALA A 70 -0.83 10.28 13.62
CA ALA A 70 0.61 10.46 13.43
C ALA A 70 1.37 9.23 13.92
N VAL A 71 0.97 8.69 15.07
CA VAL A 71 1.58 7.48 15.59
C VAL A 71 1.55 6.38 14.52
N ASP A 72 0.39 6.16 13.92
CA ASP A 72 0.25 5.05 12.97
C ASP A 72 0.94 5.34 11.65
N ALA A 73 0.86 6.57 11.14
CA ALA A 73 1.58 6.89 9.91
C ALA A 73 3.07 6.62 10.08
N HIS A 74 3.62 7.02 11.23
CA HIS A 74 5.04 6.88 11.52
C HIS A 74 5.40 5.41 11.68
N TYR A 75 4.62 4.69 12.49
CA TYR A 75 4.94 3.30 12.79
C TYR A 75 4.79 2.42 11.56
N TYR A 76 3.69 2.60 10.80
CA TYR A 76 3.44 1.73 9.67
C TYR A 76 4.38 2.06 8.49
N ALA A 77 4.86 3.29 8.38
CA ALA A 77 5.94 3.54 7.44
C ALA A 77 7.16 2.71 7.80
N GLY A 78 7.44 2.58 9.11
CA GLY A 78 8.54 1.73 9.54
C GLY A 78 8.34 0.28 9.19
N VAL A 79 7.12 -0.25 9.39
CA VAL A 79 6.85 -1.63 9.01
C VAL A 79 7.04 -1.83 7.51
N THR A 80 6.58 -0.87 6.71
CA THR A 80 6.69 -1.00 5.26
C THR A 80 8.13 -0.94 4.82
N TYR A 81 8.93 -0.04 5.41
CA TYR A 81 10.37 -0.03 5.17
C TYR A 81 10.97 -1.38 5.48
N ASP A 82 10.62 -1.95 6.63
CA ASP A 82 11.18 -3.23 7.04
C ASP A 82 10.81 -4.34 6.04
N TYR A 83 9.57 -4.35 5.57
CA TYR A 83 9.17 -5.35 4.58
C TYR A 83 10.04 -5.26 3.34
N TYR A 84 10.16 -4.07 2.75
CA TYR A 84 10.93 -3.97 1.51
C TYR A 84 12.40 -4.32 1.72
N LYS A 85 12.97 -3.92 2.86
CA LYS A 85 14.37 -4.22 3.13
C LYS A 85 14.57 -5.72 3.39
N ASN A 86 13.77 -6.31 4.28
CA ASN A 86 14.03 -7.68 4.71
C ASN A 86 13.55 -8.71 3.71
N VAL A 87 12.49 -8.41 2.96
CA VAL A 87 11.93 -9.37 2.03
C VAL A 87 12.52 -9.21 0.63
N HIS A 88 12.75 -7.98 0.18
CA HIS A 88 13.18 -7.72 -1.20
C HIS A 88 14.54 -7.08 -1.31
N ASN A 89 15.25 -6.89 -0.18
CA ASN A 89 16.57 -6.25 -0.18
C ASN A 89 16.52 -4.88 -0.85
N ARG A 90 15.43 -4.16 -0.64
CA ARG A 90 15.26 -2.82 -1.20
C ARG A 90 15.31 -1.81 -0.05
N LEU A 91 16.20 -0.84 -0.16
CA LEU A 91 16.43 0.16 0.89
C LEU A 91 15.59 1.40 0.59
N SER A 92 14.45 1.52 1.28
CA SER A 92 13.47 2.56 1.03
C SER A 92 12.90 2.49 -0.39
N TYR A 93 12.11 3.49 -0.75
CA TYR A 93 11.37 3.39 -2.01
C TYR A 93 12.26 3.58 -3.23
N ASP A 94 13.36 4.33 -3.08
CA ASP A 94 14.26 4.54 -4.20
C ASP A 94 15.41 3.53 -4.24
N GLY A 95 15.48 2.58 -3.31
CA GLY A 95 16.61 1.68 -3.27
C GLY A 95 17.88 2.27 -2.73
N ASN A 96 17.87 3.55 -2.34
CA ASN A 96 19.04 4.22 -1.80
C ASN A 96 18.72 4.92 -0.48
N ASN A 97 17.77 4.38 0.27
CA ASN A 97 17.45 4.85 1.62
C ASN A 97 16.90 6.28 1.66
N ALA A 98 16.15 6.69 0.63
CA ALA A 98 15.48 7.99 0.67
C ALA A 98 14.65 8.14 1.94
N ALA A 99 14.69 9.34 2.52
CA ALA A 99 13.84 9.66 3.66
C ALA A 99 12.38 9.49 3.28
N ILE A 100 11.61 8.92 4.21
CA ILE A 100 10.18 8.72 4.01
C ILE A 100 9.43 9.77 4.82
N ARG A 101 8.67 10.61 4.14
CA ARG A 101 7.93 11.69 4.77
C ARG A 101 6.43 11.45 4.64
N SER A 102 5.69 11.68 5.72
CA SER A 102 4.24 11.54 5.74
C SER A 102 3.63 12.72 6.46
N SER A 103 2.48 13.20 5.98
CA SER A 103 1.71 14.21 6.67
C SER A 103 0.34 13.67 7.03
N VAL A 104 -0.11 13.97 8.24
CA VAL A 104 -1.43 13.59 8.71
C VAL A 104 -2.26 14.84 9.00
N HIS A 105 -3.54 14.63 9.27
CA HIS A 105 -4.48 15.74 9.42
C HIS A 105 -4.52 16.61 8.16
N TYR A 106 -4.50 15.98 6.99
CA TYR A 106 -4.59 16.72 5.74
C TYR A 106 -6.04 17.12 5.50
N SER A 107 -6.28 18.43 5.34
CA SER A 107 -7.60 18.98 5.07
C SER A 107 -8.58 18.66 6.19
N GLN A 108 -9.87 18.81 5.93
CA GLN A 108 -10.91 18.57 6.93
C GLN A 108 -11.81 17.46 6.44
N GLY A 109 -11.96 16.41 7.25
CA GLY A 109 -12.85 15.30 6.91
C GLY A 109 -12.49 14.63 5.60
N TYR A 110 -11.20 14.54 5.28
CA TYR A 110 -10.77 14.12 3.96
C TYR A 110 -10.75 12.59 3.87
N ASN A 111 -11.55 12.05 2.95
CA ASN A 111 -11.76 10.61 2.85
C ASN A 111 -10.81 9.99 1.83
N ASN A 112 -9.51 10.18 2.05
CA ASN A 112 -8.54 9.56 1.16
C ASN A 112 -7.15 9.64 1.76
N ALA A 113 -6.20 8.99 1.08
CA ALA A 113 -4.80 9.03 1.41
C ALA A 113 -4.05 8.80 0.09
N PHE A 114 -2.86 9.36 -0.03
CA PHE A 114 -2.17 9.29 -1.31
C PHE A 114 -0.68 9.54 -1.16
N TRP A 115 0.10 8.91 -2.04
CA TRP A 115 1.48 9.28 -2.33
C TRP A 115 1.45 10.34 -3.43
N ASN A 116 2.16 11.43 -3.23
CA ASN A 116 2.04 12.58 -4.13
C ASN A 116 3.26 12.78 -5.01
N GLY A 117 4.13 11.79 -5.13
CA GLY A 117 5.37 11.93 -5.86
C GLY A 117 6.54 12.34 -5.01
N SER A 118 6.26 12.80 -3.77
CA SER A 118 7.27 13.26 -2.83
CA SER A 118 7.31 13.17 -2.83
C SER A 118 7.07 12.67 -1.42
N GLN A 119 5.83 12.41 -1.03
CA GLN A 119 5.52 12.05 0.35
C GLN A 119 4.15 11.39 0.41
N MET A 120 3.87 10.81 1.57
CA MET A 120 2.54 10.29 1.89
C MET A 120 1.70 11.37 2.53
N VAL A 121 0.39 11.31 2.27
CA VAL A 121 -0.57 12.28 2.77
C VAL A 121 -1.81 11.51 3.23
N TYR A 122 -2.28 11.76 4.46
CA TYR A 122 -3.42 11.05 5.02
C TYR A 122 -4.50 12.01 5.49
N GLY A 123 -5.71 11.82 5.00
CA GLY A 123 -6.84 12.47 5.61
C GLY A 123 -7.26 11.82 6.91
N ASP A 124 -8.10 12.53 7.65
CA ASP A 124 -8.70 12.00 8.87
C ASP A 124 -9.98 11.23 8.62
N GLY A 125 -10.53 11.32 7.41
CA GLY A 125 -11.85 10.79 7.16
C GLY A 125 -12.91 11.68 7.76
N ASP A 126 -14.17 11.47 7.38
CA ASP A 126 -15.27 12.23 7.93
C ASP A 126 -15.94 11.54 9.11
N GLY A 127 -15.38 10.42 9.57
CA GLY A 127 -15.94 9.67 10.68
C GLY A 127 -17.04 8.73 10.28
N GLN A 128 -17.51 8.78 9.03
CA GLN A 128 -18.55 7.92 8.54
C GLN A 128 -18.04 7.00 7.44
N THR A 129 -17.44 7.55 6.39
CA THR A 129 -16.84 6.72 5.37
C THR A 129 -15.50 6.18 5.85
N PHE A 130 -14.70 7.00 6.55
CA PHE A 130 -13.38 6.60 7.02
C PHE A 130 -13.13 7.20 8.40
N ILE A 131 -12.32 6.50 9.18
CA ILE A 131 -11.59 7.08 10.31
C ILE A 131 -10.18 7.37 9.79
N PRO A 132 -9.29 8.00 10.56
CA PRO A 132 -8.03 8.45 9.97
C PRO A 132 -7.27 7.32 9.27
N LEU A 133 -6.90 7.57 8.02
CA LEU A 133 -6.59 6.48 7.11
C LEU A 133 -5.27 5.80 7.41
N SER A 134 -4.35 6.48 8.11
CA SER A 134 -3.11 5.84 8.53
C SER A 134 -3.34 4.70 9.52
N GLY A 135 -4.55 4.53 10.04
CA GLY A 135 -4.83 3.38 10.87
C GLY A 135 -4.83 2.05 10.15
N GLY A 136 -4.79 2.07 8.82
CA GLY A 136 -4.78 0.83 8.05
C GLY A 136 -3.40 0.53 7.52
N ILE A 137 -2.77 -0.56 7.98
CA ILE A 137 -1.44 -0.88 7.49
C ILE A 137 -1.45 -1.13 5.99
N ASP A 138 -2.51 -1.77 5.47
CA ASP A 138 -2.58 -1.98 4.03
C ASP A 138 -2.68 -0.67 3.27
N VAL A 139 -3.34 0.33 3.84
CA VAL A 139 -3.42 1.66 3.22
C VAL A 139 -2.04 2.30 3.15
N VAL A 140 -1.34 2.31 4.28
CA VAL A 140 0.01 2.89 4.34
C VAL A 140 0.93 2.21 3.33
N ALA A 141 0.94 0.88 3.34
CA ALA A 141 1.84 0.17 2.46
C ALA A 141 1.43 0.28 1.00
N HIS A 142 0.12 0.31 0.73
CA HIS A 142 -0.36 0.55 -0.63
C HIS A 142 0.18 1.86 -1.17
N GLU A 143 0.07 2.93 -0.40
CA GLU A 143 0.49 4.21 -0.94
C GLU A 143 2.01 4.33 -1.02
N LEU A 144 2.75 3.79 -0.04
CA LEU A 144 4.21 3.81 -0.17
C LEU A 144 4.68 2.97 -1.36
N THR A 145 3.91 1.94 -1.73
CA THR A 145 4.27 1.15 -2.89
C THR A 145 4.21 1.99 -4.18
N HIS A 146 3.35 3.01 -4.24
CA HIS A 146 3.39 3.89 -5.40
C HIS A 146 4.76 4.56 -5.55
N ALA A 147 5.43 4.85 -4.43
CA ALA A 147 6.77 5.42 -4.51
C ALA A 147 7.75 4.43 -5.13
N VAL A 148 7.65 3.15 -4.72
CA VAL A 148 8.46 2.12 -5.35
C VAL A 148 8.20 2.07 -6.84
N THR A 149 6.92 2.08 -7.23
CA THR A 149 6.58 2.07 -8.64
C THR A 149 7.16 3.28 -9.37
N ASP A 150 7.07 4.46 -8.75
CA ASP A 150 7.60 5.69 -9.37
C ASP A 150 9.07 5.54 -9.74
N TYR A 151 9.85 4.87 -8.90
CA TYR A 151 11.28 4.74 -9.09
C TYR A 151 11.65 3.53 -9.92
N THR A 152 10.68 2.72 -10.31
CA THR A 152 10.97 1.50 -11.04
C THR A 152 10.19 1.48 -12.35
N ALA A 153 9.07 0.75 -12.41
CA ALA A 153 8.34 0.62 -13.66
C ALA A 153 7.81 1.96 -14.15
N GLY A 154 7.37 2.81 -13.24
CA GLY A 154 6.87 4.12 -13.67
C GLY A 154 5.54 4.07 -14.38
N LEU A 155 4.71 3.05 -14.10
CA LEU A 155 3.43 2.85 -14.75
C LEU A 155 2.57 4.11 -14.77
N ILE A 156 2.24 4.58 -15.97
CA ILE A 156 1.43 5.78 -16.12
C ILE A 156 0.06 5.58 -15.47
N TYR A 157 -0.42 6.60 -14.77
CA TYR A 157 -1.60 6.45 -13.93
C TYR A 157 -2.91 6.66 -14.72
N GLN A 158 -3.13 5.79 -15.71
CA GLN A 158 -4.35 5.86 -16.53
C GLN A 158 -4.54 4.52 -17.22
N ASN A 159 -5.80 4.15 -17.44
CA ASN A 159 -6.13 2.97 -18.27
C ASN A 159 -5.43 1.73 -17.73
N GLU A 160 -4.95 0.83 -18.59
CA GLU A 160 -4.46 -0.46 -18.08
C GLU A 160 -3.18 -0.31 -17.26
N SER A 161 -2.25 0.55 -17.71
N SER A 161 -2.25 0.54 -17.71
CA SER A 161 -1.03 0.73 -16.92
CA SER A 161 -1.03 0.77 -16.94
C SER A 161 -1.37 1.29 -15.54
C SER A 161 -1.36 1.31 -15.56
N GLY A 162 -2.38 2.16 -15.47
CA GLY A 162 -2.77 2.70 -14.18
C GLY A 162 -3.47 1.68 -13.29
N ALA A 163 -4.27 0.80 -13.90
CA ALA A 163 -4.87 -0.29 -13.14
C ALA A 163 -3.81 -1.26 -12.62
N ILE A 164 -2.75 -1.50 -13.40
CA ILE A 164 -1.64 -2.29 -12.89
C ILE A 164 -0.97 -1.58 -11.72
N ASN A 165 -0.73 -0.28 -11.87
CA ASN A 165 -0.15 0.53 -10.80
C ASN A 165 -0.95 0.36 -9.51
N GLU A 166 -2.27 0.53 -9.60
CA GLU A 166 -3.14 0.34 -8.44
C GLU A 166 -3.06 -1.07 -7.89
N ALA A 167 -3.14 -2.07 -8.76
CA ALA A 167 -3.10 -3.46 -8.30
C ALA A 167 -1.79 -3.78 -7.61
N ILE A 168 -0.67 -3.29 -8.14
CA ILE A 168 0.63 -3.49 -7.48
C ILE A 168 0.59 -2.95 -6.06
N SER A 169 -0.02 -1.78 -5.89
CA SER A 169 -0.15 -1.19 -4.56
C SER A 169 -1.07 -2.01 -3.65
N ASP A 170 -2.19 -2.54 -4.18
CA ASP A 170 -3.04 -3.40 -3.37
C ASP A 170 -2.34 -4.70 -3.01
N ILE A 171 -1.59 -5.26 -3.96
CA ILE A 171 -0.87 -6.52 -3.72
C ILE A 171 0.14 -6.34 -2.60
N PHE A 172 1.02 -5.33 -2.72
CA PHE A 172 2.05 -5.17 -1.71
C PHE A 172 1.48 -4.60 -0.41
N GLY A 173 0.42 -3.80 -0.48
CA GLY A 173 -0.23 -3.39 0.75
C GLY A 173 -0.72 -4.60 1.53
N THR A 174 -1.29 -5.57 0.83
CA THR A 174 -1.75 -6.80 1.47
C THR A 174 -0.58 -7.64 1.94
N LEU A 175 0.49 -7.75 1.15
CA LEU A 175 1.62 -8.55 1.61
C LEU A 175 2.29 -7.93 2.82
N VAL A 176 2.33 -6.59 2.91
CA VAL A 176 2.82 -5.97 4.14
C VAL A 176 1.89 -6.26 5.31
N GLU A 177 0.57 -6.21 5.09
CA GLU A 177 -0.35 -6.56 6.17
C GLU A 177 -0.12 -7.99 6.67
N PHE A 178 0.13 -8.95 5.75
CA PHE A 178 0.47 -10.30 6.17
C PHE A 178 1.81 -10.33 6.90
N TYR A 179 2.79 -9.56 6.43
CA TYR A 179 4.09 -9.50 7.10
C TYR A 179 3.95 -9.06 8.54
N ALA A 180 3.13 -8.03 8.79
CA ALA A 180 2.92 -7.58 10.16
C ALA A 180 2.07 -8.55 10.95
N ASN A 181 1.20 -9.30 10.27
CA ASN A 181 0.47 -10.43 10.85
C ASN A 181 -0.53 -10.03 11.94
N LYS A 182 -1.21 -8.90 11.76
CA LYS A 182 -2.34 -8.56 12.61
CA LYS A 182 -2.34 -8.56 12.61
C LYS A 182 -3.61 -8.52 11.76
N ASN A 183 -4.50 -9.48 12.01
CA ASN A 183 -5.74 -9.64 11.26
C ASN A 183 -5.56 -9.58 9.74
N PRO A 184 -4.59 -10.30 9.18
CA PRO A 184 -4.32 -10.16 7.75
C PRO A 184 -5.45 -10.75 6.92
N ASP A 185 -5.65 -10.17 5.74
CA ASP A 185 -6.70 -10.62 4.84
C ASP A 185 -6.35 -10.14 3.44
N TRP A 186 -7.21 -10.51 2.49
CA TRP A 186 -7.10 -10.09 1.10
C TRP A 186 -8.10 -8.97 0.78
N GLU A 187 -8.52 -8.21 1.78
CA GLU A 187 -9.36 -7.03 1.61
C GLU A 187 -8.51 -5.79 1.73
N ILE A 188 -9.02 -4.65 1.24
CA ILE A 188 -8.26 -3.40 1.27
C ILE A 188 -9.00 -2.38 2.12
N GLY A 189 -8.34 -1.88 3.17
CA GLY A 189 -8.85 -0.75 3.92
C GLY A 189 -9.86 -1.08 5.00
N GLU A 190 -10.05 -2.36 5.31
CA GLU A 190 -11.08 -2.77 6.26
C GLU A 190 -10.89 -2.16 7.65
N ASP A 191 -9.66 -1.82 8.04
CA ASP A 191 -9.44 -1.34 9.40
C ASP A 191 -9.86 0.12 9.60
N VAL A 192 -10.05 0.87 8.52
CA VAL A 192 -10.37 2.30 8.62
C VAL A 192 -11.65 2.66 7.89
N TYR A 193 -12.24 1.74 7.14
CA TYR A 193 -13.43 2.02 6.35
C TYR A 193 -14.68 1.75 7.16
N THR A 194 -15.65 2.69 7.06
CA THR A 194 -17.00 2.61 7.60
C THR A 194 -17.02 2.05 9.03
N PRO A 195 -16.66 2.85 10.02
CA PRO A 195 -16.69 2.37 11.41
C PRO A 195 -18.05 1.86 11.84
N GLY A 196 -19.13 2.28 11.21
CA GLY A 196 -20.45 1.82 11.56
C GLY A 196 -20.91 0.54 10.91
N ILE A 197 -20.11 -0.04 10.02
CA ILE A 197 -20.46 -1.25 9.27
C ILE A 197 -19.33 -2.26 9.44
N SER A 198 -19.65 -3.43 9.97
CA SER A 198 -18.66 -4.47 10.17
C SER A 198 -18.54 -5.35 8.93
N GLY A 199 -17.32 -5.83 8.69
CA GLY A 199 -17.10 -6.87 7.71
C GLY A 199 -16.97 -6.40 6.28
N ASP A 200 -16.92 -5.10 6.03
CA ASP A 200 -16.76 -4.57 4.68
C ASP A 200 -15.35 -4.01 4.51
N SER A 201 -15.10 -3.46 3.32
CA SER A 201 -13.80 -2.94 2.96
C SER A 201 -14.00 -2.14 1.68
N LEU A 202 -12.92 -1.49 1.23
CA LEU A 202 -12.97 -0.69 0.01
C LEU A 202 -12.97 -1.56 -1.23
N ARG A 203 -12.12 -2.59 -1.24
CA ARG A 203 -11.97 -3.51 -2.36
C ARG A 203 -11.66 -4.87 -1.78
N SER A 204 -11.97 -5.91 -2.55
CA SER A 204 -11.60 -7.27 -2.19
C SER A 204 -10.74 -7.82 -3.31
N MET A 205 -9.59 -8.40 -2.95
CA MET A 205 -8.78 -9.09 -3.94
C MET A 205 -9.26 -10.51 -4.18
N SER A 206 -9.81 -11.15 -3.14
CA SER A 206 -10.28 -12.53 -3.28
C SER A 206 -11.57 -12.60 -4.07
N ASP A 207 -12.41 -11.58 -3.98
CA ASP A 207 -13.65 -11.51 -4.75
C ASP A 207 -13.96 -10.07 -5.07
N PRO A 208 -13.29 -9.50 -6.07
CA PRO A 208 -13.50 -8.08 -6.41
C PRO A 208 -14.95 -7.75 -6.68
N ALA A 209 -15.72 -8.71 -7.19
CA ALA A 209 -17.10 -8.45 -7.55
C ALA A 209 -17.97 -8.17 -6.33
N LYS A 210 -17.51 -8.49 -5.12
CA LYS A 210 -18.29 -8.17 -3.94
C LYS A 210 -18.61 -6.68 -3.85
N TYR A 211 -17.73 -5.83 -4.40
CA TYR A 211 -17.95 -4.39 -4.43
C TYR A 211 -18.14 -3.87 -5.86
N GLY A 212 -18.54 -4.74 -6.78
CA GLY A 212 -18.80 -4.33 -8.14
C GLY A 212 -17.60 -4.17 -9.02
N ASP A 213 -16.42 -4.56 -8.57
CA ASP A 213 -15.26 -4.46 -9.44
C ASP A 213 -15.11 -5.73 -10.28
N PRO A 214 -14.58 -5.60 -11.50
CA PRO A 214 -14.47 -6.76 -12.38
C PRO A 214 -13.46 -7.77 -11.87
N ASP A 215 -13.78 -9.05 -12.13
CA ASP A 215 -12.90 -10.17 -11.82
C ASP A 215 -12.54 -10.95 -13.09
N HIS A 216 -12.74 -10.36 -14.25
CA HIS A 216 -12.45 -10.97 -15.53
C HIS A 216 -12.32 -9.85 -16.55
N TYR A 217 -11.39 -10.03 -17.49
CA TYR A 217 -11.11 -9.01 -18.48
C TYR A 217 -12.34 -8.66 -19.31
N SER A 218 -13.26 -9.61 -19.50
CA SER A 218 -14.48 -9.35 -20.25
C SER A 218 -15.45 -8.43 -19.51
N LYS A 219 -15.20 -8.15 -18.23
CA LYS A 219 -16.01 -7.22 -17.45
C LYS A 219 -15.29 -5.90 -17.18
N ARG A 220 -14.20 -5.64 -17.89
CA ARG A 220 -13.43 -4.43 -17.66
C ARG A 220 -14.25 -3.18 -17.99
N TYR A 221 -13.93 -2.10 -17.28
CA TYR A 221 -14.50 -0.78 -17.51
C TYR A 221 -13.68 -0.06 -18.56
N THR A 222 -14.36 0.53 -19.54
CA THR A 222 -13.69 1.19 -20.66
C THR A 222 -13.97 2.70 -20.73
N GLY A 223 -14.67 3.25 -19.74
CA GLY A 223 -14.99 4.67 -19.72
C GLY A 223 -13.85 5.51 -19.19
N THR A 224 -14.15 6.78 -18.93
CA THR A 224 -13.12 7.74 -18.56
C THR A 224 -13.08 8.08 -17.08
N GLN A 225 -14.09 7.67 -16.30
CA GLN A 225 -14.06 7.97 -14.87
C GLN A 225 -12.87 7.27 -14.21
N ASP A 226 -12.41 7.85 -13.10
CA ASP A 226 -11.37 7.19 -12.29
C ASP A 226 -10.11 6.94 -13.12
N ASN A 227 -9.72 7.92 -13.92
CA ASN A 227 -8.53 7.82 -14.78
C ASN A 227 -8.61 6.59 -15.68
N GLY A 228 -9.80 6.32 -16.20
CA GLY A 228 -10.00 5.11 -16.98
C GLY A 228 -10.14 3.87 -16.14
N GLY A 229 -10.70 3.98 -14.94
CA GLY A 229 -10.99 2.83 -14.11
C GLY A 229 -9.83 2.23 -13.37
N VAL A 230 -8.87 3.05 -12.90
CA VAL A 230 -7.67 2.46 -12.31
C VAL A 230 -7.96 1.69 -11.03
N HIS A 231 -8.97 2.12 -10.25
CA HIS A 231 -9.37 1.41 -9.04
C HIS A 231 -10.45 0.36 -9.28
N ILE A 232 -10.93 0.27 -10.51
CA ILE A 232 -11.99 -0.65 -10.91
C ILE A 232 -11.33 -1.85 -11.58
N ASN A 233 -10.61 -1.59 -12.68
CA ASN A 233 -9.94 -2.67 -13.41
C ASN A 233 -8.78 -3.28 -12.64
N SER A 234 -8.32 -2.63 -11.56
CA SER A 234 -7.35 -3.28 -10.70
C SER A 234 -7.87 -4.60 -10.19
N GLY A 235 -9.20 -4.76 -10.09
CA GLY A 235 -9.76 -6.00 -9.61
C GLY A 235 -9.38 -7.21 -10.45
N ILE A 236 -9.20 -7.01 -11.75
CA ILE A 236 -8.81 -8.12 -12.62
C ILE A 236 -7.43 -8.63 -12.26
N ILE A 237 -6.51 -7.72 -12.01
CA ILE A 237 -5.14 -8.10 -11.64
C ILE A 237 -5.09 -8.57 -10.18
N ASN A 238 -5.83 -7.91 -9.30
CA ASN A 238 -5.89 -8.35 -7.90
C ASN A 238 -6.39 -9.79 -7.82
N LYS A 239 -7.41 -10.13 -8.61
CA LYS A 239 -7.93 -11.49 -8.60
C LYS A 239 -6.88 -12.48 -9.09
N ALA A 240 -6.15 -12.12 -10.15
CA ALA A 240 -5.09 -13.00 -10.64
C ALA A 240 -4.02 -13.22 -9.58
N ALA A 241 -3.62 -12.16 -8.88
CA ALA A 241 -2.62 -12.28 -7.82
C ALA A 241 -3.13 -13.18 -6.70
N TYR A 242 -4.37 -12.95 -6.27
CA TYR A 242 -4.97 -13.81 -5.26
C TYR A 242 -4.95 -15.27 -5.70
N LEU A 243 -5.30 -15.54 -6.95
CA LEU A 243 -5.32 -16.92 -7.43
C LEU A 243 -3.92 -17.52 -7.46
N ILE A 244 -2.92 -16.75 -7.92
CA ILE A 244 -1.54 -17.24 -7.90
C ILE A 244 -1.16 -17.70 -6.50
N SER A 245 -1.49 -16.88 -5.50
CA SER A 245 -1.09 -17.18 -4.14
C SER A 245 -1.92 -18.33 -3.56
N GLN A 246 -3.25 -18.22 -3.65
CA GLN A 246 -4.13 -19.08 -2.88
C GLN A 246 -4.73 -20.21 -3.68
N GLY A 247 -4.70 -20.13 -5.00
CA GLY A 247 -5.32 -21.14 -5.83
C GLY A 247 -6.84 -21.01 -5.84
N GLY A 248 -7.45 -21.85 -6.66
CA GLY A 248 -8.90 -21.89 -6.72
C GLY A 248 -9.37 -22.15 -8.13
N THR A 249 -10.68 -22.26 -8.31
CA THR A 249 -11.27 -22.37 -9.63
C THR A 249 -12.12 -21.13 -9.85
N HIS A 250 -11.93 -20.49 -11.01
CA HIS A 250 -12.55 -19.19 -11.28
C HIS A 250 -13.01 -19.21 -12.73
N TYR A 251 -14.31 -19.02 -12.95
CA TYR A 251 -14.91 -19.15 -14.27
C TYR A 251 -14.50 -20.47 -14.94
N GLY A 252 -14.41 -21.52 -14.13
CA GLY A 252 -14.12 -22.85 -14.66
C GLY A 252 -12.67 -23.13 -14.98
N VAL A 253 -11.75 -22.24 -14.59
CA VAL A 253 -10.32 -22.41 -14.82
C VAL A 253 -9.67 -22.63 -13.45
N SER A 254 -8.94 -23.74 -13.31
CA SER A 254 -8.31 -24.09 -12.04
C SER A 254 -6.90 -23.53 -11.97
N VAL A 255 -6.55 -23.01 -10.79
CA VAL A 255 -5.24 -22.44 -10.53
C VAL A 255 -4.64 -23.14 -9.32
N VAL A 256 -3.42 -23.63 -9.47
CA VAL A 256 -2.69 -24.22 -8.35
C VAL A 256 -2.00 -23.09 -7.59
N GLY A 257 -2.34 -22.92 -6.32
CA GLY A 257 -1.75 -21.86 -5.54
C GLY A 257 -0.31 -22.15 -5.18
N ILE A 258 0.50 -21.10 -5.12
CA ILE A 258 1.92 -21.22 -4.78
C ILE A 258 2.31 -20.44 -3.54
N GLY A 259 1.39 -19.68 -2.95
CA GLY A 259 1.65 -19.02 -1.69
C GLY A 259 2.06 -17.56 -1.84
N ARG A 260 1.92 -16.82 -0.74
CA ARG A 260 2.11 -15.36 -0.76
C ARG A 260 3.56 -14.97 -1.03
N ASP A 261 4.51 -15.70 -0.44
CA ASP A 261 5.91 -15.32 -0.59
C ASP A 261 6.34 -15.37 -2.05
N LYS A 262 5.97 -16.44 -2.76
CA LYS A 262 6.32 -16.53 -4.18
C LYS A 262 5.56 -15.51 -5.01
N LEU A 263 4.29 -15.26 -4.69
CA LEU A 263 3.57 -14.16 -5.34
C LEU A 263 4.38 -12.87 -5.23
N GLY A 264 4.84 -12.55 -4.02
CA GLY A 264 5.57 -11.32 -3.82
C GLY A 264 6.87 -11.28 -4.60
N LYS A 265 7.60 -12.41 -4.65
CA LYS A 265 8.84 -12.44 -5.41
C LYS A 265 8.59 -12.22 -6.89
N ILE A 266 7.56 -12.88 -7.43
CA ILE A 266 7.25 -12.77 -8.85
C ILE A 266 6.87 -11.35 -9.22
N PHE A 267 5.96 -10.75 -8.44
CA PHE A 267 5.50 -9.42 -8.77
C PHE A 267 6.56 -8.35 -8.49
N TYR A 268 7.38 -8.54 -7.46
CA TYR A 268 8.46 -7.58 -7.24
C TYR A 268 9.44 -7.60 -8.39
N ARG A 269 9.79 -8.79 -8.88
CA ARG A 269 10.68 -8.89 -10.02
C ARG A 269 10.04 -8.31 -11.27
N ALA A 270 8.75 -8.57 -11.49
CA ALA A 270 8.09 -7.99 -12.66
C ALA A 270 8.14 -6.48 -12.59
N LEU A 271 7.84 -5.93 -11.41
CA LEU A 271 7.79 -4.49 -11.25
C LEU A 271 9.15 -3.84 -11.47
N THR A 272 10.22 -4.48 -11.00
CA THR A 272 11.52 -3.84 -10.99
C THR A 272 12.39 -4.21 -12.19
N GLN A 273 12.05 -5.27 -12.91
CA GLN A 273 12.89 -5.72 -14.03
C GLN A 273 12.19 -5.73 -15.38
N TYR A 274 10.85 -5.75 -15.42
CA TYR A 274 10.18 -6.00 -16.70
C TYR A 274 9.13 -4.95 -17.07
N LEU A 275 8.36 -4.46 -16.11
CA LEU A 275 7.30 -3.51 -16.45
C LEU A 275 7.88 -2.15 -16.83
N THR A 276 7.14 -1.42 -17.65
CA THR A 276 7.54 -0.13 -18.19
C THR A 276 6.39 0.84 -17.97
N PRO A 277 6.59 2.13 -18.26
CA PRO A 277 5.50 3.09 -18.01
C PRO A 277 4.21 2.78 -18.76
N THR A 278 4.29 2.13 -19.92
CA THR A 278 3.11 1.87 -20.75
C THR A 278 2.64 0.43 -20.73
N SER A 279 3.13 -0.41 -19.82
CA SER A 279 2.72 -1.81 -19.81
C SER A 279 1.21 -1.96 -19.69
N ASN A 280 0.62 -2.82 -20.53
CA ASN A 280 -0.78 -3.18 -20.42
C ASN A 280 -0.93 -4.56 -19.73
N PHE A 281 -2.18 -5.02 -19.60
CA PHE A 281 -2.43 -6.26 -18.88
C PHE A 281 -1.74 -7.44 -19.54
N SER A 282 -1.80 -7.52 -20.87
CA SER A 282 -1.14 -8.61 -21.59
C SER A 282 0.37 -8.59 -21.33
N GLN A 283 0.96 -7.40 -21.29
CA GLN A 283 2.38 -7.27 -21.00
C GLN A 283 2.71 -7.61 -19.56
N LEU A 284 1.79 -7.32 -18.63
CA LEU A 284 2.00 -7.75 -17.25
C LEU A 284 2.03 -9.27 -17.16
N ARG A 285 1.11 -9.95 -17.85
CA ARG A 285 1.14 -11.41 -17.86
C ARG A 285 2.50 -11.91 -18.33
N ALA A 286 3.00 -11.35 -19.45
CA ALA A 286 4.29 -11.77 -19.96
C ALA A 286 5.41 -11.47 -18.97
N ALA A 287 5.35 -10.30 -18.32
CA ALA A 287 6.36 -9.95 -17.34
C ALA A 287 6.33 -10.90 -16.14
N ALA A 288 5.13 -11.27 -15.69
CA ALA A 288 5.01 -12.20 -14.58
C ALA A 288 5.49 -13.60 -14.96
N VAL A 289 5.16 -14.05 -16.18
CA VAL A 289 5.65 -15.35 -16.64
C VAL A 289 7.18 -15.36 -16.69
N GLN A 290 7.77 -14.29 -17.23
CA GLN A 290 9.23 -14.23 -17.32
C GLN A 290 9.87 -14.15 -15.94
N SER A 291 9.25 -13.40 -15.02
CA SER A 291 9.79 -13.29 -13.67
C SER A 291 9.78 -14.65 -12.97
N ALA A 292 8.66 -15.36 -13.06
CA ALA A 292 8.60 -16.70 -12.48
C ALA A 292 9.58 -17.65 -13.17
N THR A 293 9.82 -17.47 -14.47
CA THR A 293 10.81 -18.28 -15.17
C THR A 293 12.21 -18.02 -14.60
N ASP A 294 12.56 -16.75 -14.40
CA ASP A 294 13.85 -16.41 -13.82
C ASP A 294 14.02 -17.05 -12.45
N LEU A 295 12.97 -17.00 -11.62
CA LEU A 295 13.09 -17.37 -10.22
C LEU A 295 13.00 -18.88 -10.02
N TYR A 296 12.17 -19.56 -10.82
CA TYR A 296 11.82 -20.94 -10.55
C TYR A 296 12.01 -21.89 -11.73
N GLY A 297 12.25 -21.38 -12.92
CA GLY A 297 12.49 -22.26 -14.05
C GLY A 297 11.28 -22.35 -14.96
N SER A 298 11.55 -22.54 -16.25
CA SER A 298 10.48 -22.50 -17.25
C SER A 298 9.49 -23.64 -17.09
N THR A 299 9.93 -24.78 -16.54
CA THR A 299 9.06 -25.94 -16.34
C THR A 299 8.44 -25.97 -14.96
N SER A 300 8.55 -24.90 -14.18
CA SER A 300 8.16 -24.94 -12.79
C SER A 300 6.64 -24.84 -12.64
N GLN A 301 6.16 -25.34 -11.49
CA GLN A 301 4.77 -25.13 -11.13
C GLN A 301 4.46 -23.63 -11.06
N GLU A 302 5.42 -22.85 -10.59
CA GLU A 302 5.17 -21.41 -10.42
C GLU A 302 4.82 -20.75 -11.76
N VAL A 303 5.56 -21.08 -12.82
CA VAL A 303 5.24 -20.53 -14.13
C VAL A 303 3.87 -21.02 -14.60
N ALA A 304 3.60 -22.31 -14.41
CA ALA A 304 2.31 -22.85 -14.84
C ALA A 304 1.16 -22.18 -14.11
N SER A 305 1.34 -21.87 -12.82
CA SER A 305 0.27 -21.24 -12.05
C SER A 305 0.05 -19.79 -12.46
N VAL A 306 1.12 -19.06 -12.78
CA VAL A 306 0.97 -17.71 -13.30
C VAL A 306 0.11 -17.72 -14.56
N LYS A 307 0.40 -18.66 -15.47
CA LYS A 307 -0.39 -18.75 -16.70
C LYS A 307 -1.84 -19.09 -16.40
N GLN A 308 -2.08 -20.05 -15.49
CA GLN A 308 -3.45 -20.42 -15.15
C GLN A 308 -4.22 -19.23 -14.59
N ALA A 309 -3.57 -18.46 -13.72
CA ALA A 309 -4.27 -17.35 -13.06
C ALA A 309 -4.65 -16.27 -14.05
N PHE A 310 -3.74 -15.92 -14.97
CA PHE A 310 -4.10 -14.95 -15.99
C PHE A 310 -5.15 -15.51 -16.95
N ASP A 311 -5.06 -16.80 -17.31
CA ASP A 311 -6.14 -17.44 -18.07
C ASP A 311 -7.48 -17.27 -17.37
N ALA A 312 -7.50 -17.49 -16.05
CA ALA A 312 -8.76 -17.47 -15.31
C ALA A 312 -9.43 -16.10 -15.33
N VAL A 313 -8.64 -15.02 -15.41
CA VAL A 313 -9.19 -13.69 -15.48
C VAL A 313 -9.25 -13.17 -16.92
N GLY A 314 -9.01 -14.03 -17.91
CA GLY A 314 -9.21 -13.65 -19.29
C GLY A 314 -8.14 -12.78 -19.89
N VAL A 315 -6.92 -12.82 -19.37
CA VAL A 315 -5.82 -12.00 -19.86
C VAL A 315 -4.81 -12.91 -20.54
N LYS A 316 -4.63 -12.70 -21.85
CA LYS A 316 -3.70 -13.50 -22.64
C LYS A 316 -2.46 -12.69 -22.99
N GLY B 1 -6.05 11.92 -4.10
CA GLY B 1 -6.81 10.69 -4.21
C GLY B 1 -5.99 9.52 -4.72
N ALA B 2 -5.99 8.42 -3.96
CA ALA B 2 -5.18 7.27 -4.36
C ALA B 2 -5.57 5.95 -3.71
N ILE B 3 -5.80 5.91 -2.38
CA ILE B 3 -6.38 4.67 -1.88
C ILE B 3 -7.72 4.40 -2.55
N ILE B 4 -8.48 5.47 -2.83
CA ILE B 4 -9.68 5.39 -3.67
C ILE B 4 -9.69 6.56 -4.64
N GLY B 5 -10.55 6.48 -5.65
CA GLY B 5 -10.71 7.59 -6.57
C GLY B 5 -11.65 8.67 -6.08
#